data_4UGG
#
_entry.id   4UGG
#
_cell.length_a   80.500
_cell.length_b   94.970
_cell.length_c   62.940
_cell.angle_alpha   90.00
_cell.angle_beta   90.00
_cell.angle_gamma   90.00
#
_symmetry.space_group_name_H-M   'P 21 21 2'
#
loop_
_entity.id
_entity.type
_entity.pdbx_description
1 polymer 'NITRIC OXIDE SYNTHASE OXYGENASE'
2 non-polymer 'PROTOPORPHYRIN IX CONTAINING FE'
3 non-polymer 5,6,7,8-TETRAHYDROBIOPTERIN
4 non-polymer 'CHLORIDE ION'
5 non-polymer (R)-6-(2-Amino-2-(3-(2-(6-amino-4-methylpyridin-2-yl)ethyl)phenyl)ethyl)-4-methylpyridin-2-amine
6 non-polymer GLYCEROL
7 water water
#
_entity_poly.entity_id   1
_entity_poly.type   'polypeptide(L)'
_entity_poly.pdbx_seq_one_letter_code
;MEEKEILWNEAKAFIAACYQELGKAAEVKDRLADIKSEIDLTGSYVHTKEELEHGAKMAWRNSNRCIGRLFWNSLNVIDR
RDVRTKEEVRDALFHHIETATNNGKIRPTITIFPPEEKGEKQVEIWNHQLIRYAGYESDGERIGDPASCSLTAACEELGW
RGERTDFDLLPLIFRMKGDEQPVWYELPRSLVIEVPITHPDIEAFSDLELKWYGVPIISDMKLEVGGIHYNAAPFNGWYM
GTEIGARNLADEKRYDKLKKVASVIGIAADYNTDLWKDQALVELNKAVLHSYKKQGVSIVDHHTAASQFKRFEEQAEEAG
RKLTGDWTWLIPPISPAATHIFHRSYDNSIVKPNYFYQDKPYE
;
_entity_poly.pdbx_strand_id   A
#
loop_
_chem_comp.id
_chem_comp.type
_chem_comp.name
_chem_comp.formula
CL non-polymer 'CHLORIDE ION' 'Cl -1'
GOL non-polymer GLYCEROL 'C3 H8 O3'
H4B non-polymer 5,6,7,8-TETRAHYDROBIOPTERIN 'C9 H15 N5 O3'
HEM non-polymer 'PROTOPORPHYRIN IX CONTAINING FE' 'C34 H32 Fe N4 O4'
S5D non-polymer (R)-6-(2-Amino-2-(3-(2-(6-amino-4-methylpyridin-2-yl)ethyl)phenyl)ethyl)-4-methylpyridin-2-amine 'C22 H27 N5'
#
# COMPACT_ATOMS: atom_id res chain seq x y z
N GLU A 2 19.58 -26.42 -5.43
CA GLU A 2 18.27 -26.19 -4.82
C GLU A 2 17.52 -25.02 -5.46
N GLU A 3 18.22 -23.91 -5.65
CA GLU A 3 17.59 -22.67 -6.13
C GLU A 3 16.81 -22.82 -7.43
N LYS A 4 17.44 -23.50 -8.40
CA LYS A 4 16.80 -23.74 -9.70
C LYS A 4 15.49 -24.47 -9.54
N GLU A 5 15.49 -25.46 -8.64
CA GLU A 5 14.33 -26.32 -8.42
C GLU A 5 13.17 -25.56 -7.76
N ILE A 6 13.49 -24.66 -6.84
CA ILE A 6 12.45 -23.88 -6.19
C ILE A 6 11.68 -23.06 -7.21
N LEU A 7 12.42 -22.44 -8.12
CA LEU A 7 11.82 -21.58 -9.14
C LEU A 7 10.90 -22.40 -10.03
N TRP A 8 11.39 -23.55 -10.47
CA TRP A 8 10.62 -24.42 -11.34
C TRP A 8 9.30 -24.83 -10.68
N ASN A 9 9.37 -25.20 -9.41
CA ASN A 9 8.19 -25.69 -8.70
C ASN A 9 7.12 -24.62 -8.57
N GLU A 10 7.58 -23.40 -8.27
CA GLU A 10 6.70 -22.26 -8.12
C GLU A 10 6.04 -21.93 -9.46
N ALA A 11 6.81 -22.11 -10.54
CA ALA A 11 6.32 -21.79 -11.87
C ALA A 11 5.28 -22.77 -12.38
N LYS A 12 5.52 -24.07 -12.15
CA LYS A 12 4.53 -25.09 -12.49
C LYS A 12 3.20 -24.77 -11.82
N ALA A 13 3.26 -24.52 -10.52
CA ALA A 13 2.07 -24.24 -9.74
C ALA A 13 1.35 -23.02 -10.27
N PHE A 14 2.10 -21.94 -10.48
CA PHE A 14 1.52 -20.66 -10.89
C PHE A 14 0.89 -20.67 -12.28
N ILE A 15 1.64 -21.15 -13.28
CA ILE A 15 1.16 -21.15 -14.66
C ILE A 15 -0.12 -21.96 -14.80
N ALA A 16 -0.13 -23.15 -14.19
CA ALA A 16 -1.31 -24.01 -14.25
C ALA A 16 -2.51 -23.30 -13.65
N ALA A 17 -2.32 -22.68 -12.50
CA ALA A 17 -3.43 -22.01 -11.83
C ALA A 17 -3.91 -20.78 -12.61
N CYS A 18 -2.95 -20.06 -13.20
CA CYS A 18 -3.23 -18.83 -13.92
C CYS A 18 -3.95 -19.09 -15.25
N TYR A 19 -3.43 -20.03 -16.03
CA TYR A 19 -4.02 -20.40 -17.31
C TYR A 19 -5.38 -21.06 -17.10
N GLN A 20 -5.54 -21.70 -15.95
CA GLN A 20 -6.80 -22.33 -15.58
C GLN A 20 -7.92 -21.30 -15.45
N GLU A 21 -7.59 -20.17 -14.83
CA GLU A 21 -8.56 -19.10 -14.63
C GLU A 21 -8.81 -18.34 -15.92
N LEU A 22 -7.78 -18.23 -16.76
CA LEU A 22 -7.88 -17.46 -17.99
C LEU A 22 -8.44 -18.30 -19.15
N GLY A 23 -8.91 -19.50 -18.85
CA GLY A 23 -9.38 -20.41 -19.89
C GLY A 23 -8.30 -20.76 -20.89
N LYS A 24 -7.13 -21.16 -20.40
CA LYS A 24 -6.00 -21.50 -21.27
C LYS A 24 -5.33 -22.78 -20.81
N ALA A 25 -6.10 -23.70 -20.24
CA ALA A 25 -5.53 -24.93 -19.68
C ALA A 25 -4.74 -25.77 -20.69
N ALA A 26 -5.10 -25.64 -21.97
CA ALA A 26 -4.44 -26.42 -23.01
C ALA A 26 -3.07 -25.85 -23.37
N GLU A 27 -2.86 -24.58 -23.05
CA GLU A 27 -1.61 -23.92 -23.37
C GLU A 27 -0.53 -24.15 -22.29
N VAL A 28 -0.96 -24.70 -21.16
CA VAL A 28 -0.08 -24.98 -20.03
C VAL A 28 1.09 -25.94 -20.35
N LYS A 29 0.78 -27.02 -21.07
CA LYS A 29 1.80 -27.99 -21.43
C LYS A 29 2.95 -27.34 -22.18
N ASP A 30 2.61 -26.65 -23.27
CA ASP A 30 3.60 -26.00 -24.11
C ASP A 30 4.39 -24.90 -23.40
N ARG A 31 3.67 -24.08 -22.63
CA ARG A 31 4.28 -22.98 -21.89
C ARG A 31 5.28 -23.48 -20.84
N LEU A 32 4.89 -24.50 -20.09
CA LEU A 32 5.77 -25.10 -19.08
C LEU A 32 7.07 -25.64 -19.69
N ALA A 33 6.96 -26.22 -20.88
CA ALA A 33 8.14 -26.65 -21.62
C ALA A 33 9.07 -25.47 -21.86
N ASP A 34 8.54 -24.44 -22.51
CA ASP A 34 9.29 -23.22 -22.85
C ASP A 34 9.97 -22.63 -21.61
N ILE A 35 9.25 -22.63 -20.50
CA ILE A 35 9.79 -22.15 -19.23
C ILE A 35 10.92 -23.08 -18.74
N LYS A 36 10.69 -24.39 -18.82
CA LYS A 36 11.67 -25.36 -18.33
C LYS A 36 12.98 -25.28 -19.10
N SER A 37 12.91 -24.98 -20.39
CA SER A 37 14.10 -24.79 -21.19
C SER A 37 14.78 -23.47 -20.81
N GLU A 38 13.97 -22.45 -20.53
CA GLU A 38 14.48 -21.12 -20.27
C GLU A 38 15.22 -21.06 -18.93
N ILE A 39 14.66 -21.70 -17.92
CA ILE A 39 15.34 -21.82 -16.63
C ILE A 39 16.61 -22.66 -16.78
N ASP A 40 16.51 -23.74 -17.55
CA ASP A 40 17.67 -24.57 -17.88
C ASP A 40 18.80 -23.74 -18.48
N LEU A 41 18.42 -22.67 -19.16
CA LEU A 41 19.36 -21.87 -19.93
C LEU A 41 19.88 -20.67 -19.15
N THR A 42 18.95 -19.82 -18.73
CA THR A 42 19.30 -18.49 -18.23
C THR A 42 19.35 -18.40 -16.70
N GLY A 43 18.91 -19.46 -16.03
CA GLY A 43 18.83 -19.42 -14.58
C GLY A 43 17.52 -18.82 -14.12
N SER A 44 16.66 -18.46 -15.06
CA SER A 44 15.37 -17.85 -14.76
C SER A 44 14.45 -17.85 -15.98
N TYR A 45 13.27 -17.25 -15.83
CA TYR A 45 12.33 -17.11 -16.95
C TYR A 45 11.56 -15.79 -16.90
N VAL A 46 11.01 -15.41 -18.04
CA VAL A 46 10.32 -14.13 -18.17
C VAL A 46 8.82 -14.35 -18.35
N HIS A 47 8.02 -13.58 -17.62
CA HIS A 47 6.57 -13.70 -17.71
C HIS A 47 6.02 -13.01 -18.94
N THR A 48 4.95 -13.58 -19.49
CA THR A 48 4.21 -12.91 -20.55
C THR A 48 3.36 -11.82 -19.88
N LYS A 49 2.98 -10.81 -20.66
CA LYS A 49 2.23 -9.67 -20.12
C LYS A 49 0.97 -10.13 -19.42
N GLU A 50 0.33 -11.15 -19.99
CA GLU A 50 -0.89 -11.73 -19.44
C GLU A 50 -0.63 -12.38 -18.08
N GLU A 51 0.39 -13.23 -18.02
CA GLU A 51 0.84 -13.85 -16.77
C GLU A 51 1.18 -12.82 -15.70
N LEU A 52 1.76 -11.70 -16.11
CA LEU A 52 2.17 -10.69 -15.13
C LEU A 52 0.96 -9.94 -14.58
N GLU A 53 0.10 -9.47 -15.47
CA GLU A 53 -1.08 -8.72 -15.05
C GLU A 53 -1.97 -9.56 -14.12
N HIS A 54 -2.18 -10.82 -14.48
CA HIS A 54 -3.03 -11.70 -13.68
C HIS A 54 -2.38 -12.17 -12.37
N GLY A 55 -1.06 -12.37 -12.38
CA GLY A 55 -0.33 -12.67 -11.16
C GLY A 55 -0.38 -11.51 -10.17
N ALA A 56 -0.32 -10.28 -10.67
CA ALA A 56 -0.49 -9.11 -9.82
C ALA A 56 -1.85 -9.15 -9.15
N LYS A 57 -2.84 -9.60 -9.91
CA LYS A 57 -4.20 -9.62 -9.42
C LYS A 57 -4.43 -10.76 -8.44
N MET A 58 -3.93 -11.95 -8.78
CA MET A 58 -3.94 -13.08 -7.87
C MET A 58 -3.30 -12.70 -6.54
N ALA A 59 -2.20 -11.95 -6.63
CA ALA A 59 -1.46 -11.57 -5.45
C ALA A 59 -2.26 -10.65 -4.52
N TRP A 60 -3.01 -9.72 -5.10
CA TRP A 60 -3.90 -8.85 -4.32
C TRP A 60 -4.98 -9.71 -3.63
N ARG A 61 -5.53 -10.66 -4.38
CA ARG A 61 -6.61 -11.51 -3.90
C ARG A 61 -6.18 -12.39 -2.73
N ASN A 62 -4.89 -12.67 -2.64
CA ASN A 62 -4.37 -13.56 -1.60
C ASN A 62 -3.79 -12.80 -0.41
N SER A 63 -3.89 -11.47 -0.46
CA SER A 63 -3.49 -10.61 0.65
C SER A 63 -4.47 -10.75 1.81
N ASN A 64 -4.14 -11.65 2.72
CA ASN A 64 -4.92 -11.91 3.93
C ASN A 64 -5.29 -10.68 4.76
N ARG A 65 -4.40 -9.68 4.78
CA ARG A 65 -4.63 -8.52 5.63
C ARG A 65 -5.50 -7.48 4.96
N CYS A 66 -5.97 -7.78 3.74
CA CYS A 66 -6.62 -6.75 2.93
C CYS A 66 -8.13 -6.87 2.83
N ILE A 67 -8.82 -5.81 3.25
CA ILE A 67 -10.28 -5.82 3.35
C ILE A 67 -10.91 -5.38 2.02
N GLY A 68 -10.08 -4.81 1.16
CA GLY A 68 -10.59 -4.17 -0.02
C GLY A 68 -10.46 -5.06 -1.23
N ARG A 69 -10.35 -6.37 -0.97
CA ARG A 69 -10.04 -7.33 -2.02
C ARG A 69 -11.15 -7.57 -3.05
N LEU A 70 -12.36 -7.09 -2.81
CA LEU A 70 -13.48 -7.34 -3.74
C LEU A 70 -13.16 -6.93 -5.18
N PHE A 71 -12.30 -5.92 -5.32
CA PHE A 71 -12.01 -5.34 -6.62
C PHE A 71 -10.69 -5.81 -7.21
N TRP A 72 -10.19 -6.94 -6.72
CA TRP A 72 -8.91 -7.48 -7.18
C TRP A 72 -8.79 -7.56 -8.72
N ASN A 73 -9.86 -7.94 -9.39
CA ASN A 73 -9.79 -8.20 -10.83
C ASN A 73 -9.67 -6.92 -11.66
N SER A 74 -10.01 -5.78 -11.08
CA SER A 74 -9.93 -4.53 -11.82
C SER A 74 -8.62 -3.73 -11.61
N LEU A 75 -7.66 -4.33 -10.90
CA LEU A 75 -6.33 -3.73 -10.74
C LEU A 75 -5.73 -3.33 -12.09
N ASN A 76 -5.30 -2.09 -12.17
CA ASN A 76 -4.64 -1.57 -13.35
C ASN A 76 -3.14 -1.87 -13.23
N VAL A 77 -2.60 -2.67 -14.15
CA VAL A 77 -1.21 -3.09 -14.07
C VAL A 77 -0.35 -2.37 -15.09
N ILE A 78 0.75 -1.77 -14.64
CA ILE A 78 1.64 -1.08 -15.58
C ILE A 78 2.96 -1.84 -15.67
N ASP A 79 3.25 -2.36 -16.86
CA ASP A 79 4.42 -3.20 -17.06
C ASP A 79 5.65 -2.37 -17.39
N ARG A 80 6.47 -2.09 -16.38
CA ARG A 80 7.68 -1.31 -16.61
C ARG A 80 8.95 -2.10 -16.39
N ARG A 81 8.99 -3.33 -16.90
CA ARG A 81 10.18 -4.17 -16.79
C ARG A 81 11.30 -3.72 -17.74
N ASP A 82 11.02 -2.66 -18.49
CA ASP A 82 11.91 -2.17 -19.53
C ASP A 82 12.87 -1.07 -19.06
N VAL A 83 12.62 -0.51 -17.87
CA VAL A 83 13.41 0.63 -17.41
C VAL A 83 14.84 0.21 -17.09
N ARG A 84 15.79 1.08 -17.43
CA ARG A 84 17.20 0.82 -17.20
C ARG A 84 17.88 2.01 -16.51
N THR A 85 17.22 3.17 -16.51
CA THR A 85 17.81 4.39 -15.98
C THR A 85 17.01 5.01 -14.84
N LYS A 86 17.71 5.71 -13.96
CA LYS A 86 17.07 6.33 -12.81
C LYS A 86 16.12 7.48 -13.20
N GLU A 87 16.33 8.05 -14.37
CA GLU A 87 15.38 9.02 -14.90
C GLU A 87 14.11 8.28 -15.31
N GLU A 88 14.28 7.08 -15.87
CA GLU A 88 13.14 6.24 -16.23
C GLU A 88 12.34 5.76 -15.02
N VAL A 89 13.04 5.27 -13.99
CA VAL A 89 12.36 4.89 -12.76
C VAL A 89 11.61 6.09 -12.16
N ARG A 90 12.29 7.24 -12.12
CA ARG A 90 11.70 8.46 -11.56
C ARG A 90 10.41 8.85 -12.27
N ASP A 91 10.49 8.92 -13.59
CA ASP A 91 9.33 9.22 -14.40
C ASP A 91 8.21 8.17 -14.27
N ALA A 92 8.58 6.89 -14.20
CA ALA A 92 7.59 5.82 -13.98
C ALA A 92 6.83 6.01 -12.66
N LEU A 93 7.59 6.31 -11.61
CA LEU A 93 6.99 6.65 -10.33
C LEU A 93 6.14 7.93 -10.40
N PHE A 94 6.64 8.96 -11.05
CA PHE A 94 5.86 10.19 -11.24
C PHE A 94 4.55 9.88 -11.93
N HIS A 95 4.60 9.05 -12.96
CA HIS A 95 3.43 8.71 -13.77
C HIS A 95 2.42 7.88 -12.98
N HIS A 96 2.92 6.89 -12.25
CA HIS A 96 2.07 6.04 -11.43
C HIS A 96 1.25 6.93 -10.48
N ILE A 97 1.89 7.93 -9.88
CA ILE A 97 1.18 8.85 -9.01
C ILE A 97 0.06 9.60 -9.73
N GLU A 98 0.35 10.03 -10.96
CA GLU A 98 -0.59 10.83 -11.73
C GLU A 98 -1.78 9.98 -12.18
N THR A 99 -1.48 8.84 -12.78
CA THR A 99 -2.53 7.98 -13.32
C THR A 99 -3.40 7.38 -12.21
N ALA A 100 -2.78 6.92 -11.13
CA ALA A 100 -3.54 6.35 -10.02
C ALA A 100 -4.44 7.39 -9.35
N THR A 101 -3.94 8.62 -9.20
CA THR A 101 -4.69 9.69 -8.55
C THR A 101 -5.91 10.08 -9.37
N ASN A 102 -5.70 10.22 -10.68
CA ASN A 102 -6.79 10.42 -11.61
C ASN A 102 -7.71 11.56 -11.17
N ASN A 103 -7.12 12.69 -10.79
CA ASN A 103 -7.89 13.84 -10.30
C ASN A 103 -8.77 13.59 -9.08
N GLY A 104 -8.49 12.53 -8.32
CA GLY A 104 -9.29 12.20 -7.16
C GLY A 104 -10.06 10.90 -7.31
N LYS A 105 -10.43 10.56 -8.55
CA LYS A 105 -11.14 9.32 -8.84
C LYS A 105 -10.10 8.19 -8.92
N ILE A 106 -9.62 7.76 -7.75
CA ILE A 106 -8.44 6.92 -7.64
C ILE A 106 -8.59 5.56 -8.32
N ARG A 107 -7.61 5.20 -9.14
CA ARG A 107 -7.57 3.90 -9.80
C ARG A 107 -6.53 3.05 -9.08
N PRO A 108 -6.96 1.89 -8.56
CA PRO A 108 -6.03 0.88 -8.06
C PRO A 108 -5.03 0.46 -9.12
N THR A 109 -3.76 0.72 -8.85
CA THR A 109 -2.69 0.61 -9.85
C THR A 109 -1.45 0.01 -9.23
N ILE A 110 -0.71 -0.74 -10.04
CA ILE A 110 0.60 -1.24 -9.65
C ILE A 110 1.57 -1.05 -10.82
N THR A 111 2.73 -0.50 -10.54
CA THR A 111 3.76 -0.41 -11.55
C THR A 111 4.79 -1.45 -11.21
N ILE A 112 5.18 -2.28 -12.19
CA ILE A 112 6.09 -3.39 -11.95
C ILE A 112 7.44 -3.22 -12.67
N PHE A 113 8.51 -3.11 -11.86
CA PHE A 113 9.87 -2.89 -12.36
C PHE A 113 10.62 -4.23 -12.53
N PRO A 114 11.79 -4.22 -13.22
CA PRO A 114 12.53 -5.48 -13.41
C PRO A 114 12.72 -6.25 -12.11
N PRO A 115 12.60 -7.58 -12.16
CA PRO A 115 12.67 -8.39 -10.92
C PRO A 115 14.11 -8.62 -10.46
N GLU A 116 14.25 -9.12 -9.24
CA GLU A 116 15.55 -9.55 -8.75
C GLU A 116 16.09 -10.61 -9.70
N GLU A 117 17.41 -10.61 -9.90
CA GLU A 117 18.05 -11.58 -10.79
C GLU A 117 18.43 -12.81 -9.98
N LYS A 118 19.56 -12.74 -9.29
CA LYS A 118 19.97 -13.84 -8.43
C LYS A 118 19.73 -13.44 -6.97
N GLY A 119 18.60 -12.81 -6.72
CA GLY A 119 18.36 -12.18 -5.44
C GLY A 119 18.88 -10.76 -5.51
N GLU A 120 19.63 -10.47 -6.57
CA GLU A 120 20.19 -9.15 -6.82
C GLU A 120 19.11 -8.20 -7.34
N LYS A 121 18.87 -7.11 -6.61
CA LYS A 121 17.84 -6.14 -7.00
C LYS A 121 18.32 -5.30 -8.16
N GLN A 122 17.43 -4.98 -9.09
CA GLN A 122 17.78 -4.11 -10.20
C GLN A 122 17.44 -2.71 -9.77
N VAL A 123 16.31 -2.58 -9.08
CA VAL A 123 15.85 -1.30 -8.57
C VAL A 123 15.47 -1.47 -7.10
N GLU A 124 15.99 -0.59 -6.25
CA GLU A 124 15.76 -0.69 -4.81
C GLU A 124 15.12 0.59 -4.26
N ILE A 125 13.80 0.55 -4.08
CA ILE A 125 13.08 1.72 -3.57
C ILE A 125 13.20 1.85 -2.03
N TRP A 126 13.55 3.05 -1.56
CA TRP A 126 13.69 3.29 -0.13
C TRP A 126 12.40 3.76 0.54
N ASN A 127 11.50 4.34 -0.25
CA ASN A 127 10.26 4.85 0.31
C ASN A 127 9.41 3.72 0.91
N HIS A 128 8.69 4.01 2.00
CA HIS A 128 7.67 3.07 2.48
C HIS A 128 6.44 3.24 1.60
N GLN A 129 6.06 4.49 1.39
CA GLN A 129 5.02 4.84 0.43
C GLN A 129 5.56 5.94 -0.48
N LEU A 130 5.13 5.98 -1.74
CA LEU A 130 5.60 7.03 -2.64
C LEU A 130 5.32 8.44 -2.06
N ILE A 131 4.11 8.63 -1.54
CA ILE A 131 3.77 9.88 -0.87
C ILE A 131 3.72 9.70 0.64
N ARG A 132 4.64 10.38 1.35
CA ARG A 132 4.66 10.33 2.81
C ARG A 132 5.31 11.54 3.47
N TYR A 133 4.86 11.84 4.70
CA TYR A 133 5.40 13.00 5.42
C TYR A 133 6.63 12.64 6.24
N ALA A 134 7.60 13.56 6.26
CA ALA A 134 8.83 13.34 7.01
C ALA A 134 8.56 13.45 8.50
N GLY A 135 9.56 13.13 9.30
CA GLY A 135 9.43 13.19 10.74
C GLY A 135 10.76 13.53 11.36
N TYR A 136 10.70 14.35 12.40
CA TYR A 136 11.92 14.82 13.06
C TYR A 136 11.77 14.73 14.58
N GLU A 137 12.77 14.16 15.24
CA GLU A 137 12.85 14.20 16.69
C GLU A 137 14.27 14.49 17.14
N SER A 138 14.49 15.70 17.65
CA SER A 138 15.77 16.09 18.23
C SER A 138 15.54 17.07 19.37
N ASP A 139 16.25 16.89 20.48
CA ASP A 139 16.12 17.76 21.63
C ASP A 139 14.68 17.76 22.16
N GLY A 140 14.08 16.58 22.27
CA GLY A 140 12.72 16.45 22.76
C GLY A 140 11.67 17.13 21.90
N GLU A 141 12.13 17.70 20.79
CA GLU A 141 11.27 18.39 19.84
C GLU A 141 10.75 17.40 18.80
N ARG A 142 9.43 17.25 18.75
CA ARG A 142 8.81 16.30 17.83
C ARG A 142 8.09 17.01 16.68
N ILE A 143 8.54 16.76 15.46
CA ILE A 143 7.95 17.38 14.28
C ILE A 143 7.58 16.32 13.24
N GLY A 144 6.35 16.39 12.74
CA GLY A 144 5.90 15.52 11.68
C GLY A 144 5.52 14.11 12.11
N ASP A 145 5.78 13.17 11.22
CA ASP A 145 5.39 11.77 11.39
C ASP A 145 6.56 10.95 11.92
N PRO A 146 6.45 10.48 13.17
CA PRO A 146 7.48 9.68 13.83
C PRO A 146 7.81 8.41 13.05
N ALA A 147 6.81 7.85 12.38
CA ALA A 147 6.99 6.62 11.61
C ALA A 147 8.01 6.81 10.50
N SER A 148 8.22 8.05 10.09
CA SER A 148 9.16 8.37 9.03
C SER A 148 10.53 8.84 9.50
N CYS A 149 10.76 8.84 10.82
CA CYS A 149 12.01 9.40 11.37
C CYS A 149 13.29 8.83 10.78
N SER A 150 13.39 7.51 10.65
CA SER A 150 14.65 6.93 10.19
C SER A 150 14.90 7.17 8.71
N LEU A 151 13.84 7.22 7.92
CA LEU A 151 13.97 7.50 6.49
C LEU A 151 14.28 8.98 6.28
N THR A 152 13.71 9.82 7.12
CA THR A 152 13.98 11.25 7.06
C THR A 152 15.46 11.54 7.29
N ALA A 153 16.03 11.00 8.37
CA ALA A 153 17.46 11.18 8.62
C ALA A 153 18.30 10.62 7.47
N ALA A 154 17.90 9.47 6.93
CA ALA A 154 18.61 8.87 5.80
C ALA A 154 18.65 9.79 4.59
N CYS A 155 17.51 10.42 4.29
CA CYS A 155 17.45 11.38 3.20
C CYS A 155 18.37 12.54 3.48
N GLU A 156 18.31 13.05 4.71
CA GLU A 156 19.10 14.22 5.08
C GLU A 156 20.60 13.95 5.12
N GLU A 157 20.96 12.67 5.17
CA GLU A 157 22.34 12.26 4.97
C GLU A 157 22.74 12.53 3.53
N LEU A 158 21.81 12.31 2.61
CA LEU A 158 22.12 12.42 1.19
C LEU A 158 21.91 13.83 0.63
N GLY A 159 21.72 14.82 1.50
CA GLY A 159 21.72 16.21 1.10
C GLY A 159 20.36 16.84 0.86
N TRP A 160 19.31 16.10 1.18
CA TRP A 160 17.96 16.66 1.18
C TRP A 160 17.74 17.43 2.46
N ARG A 161 16.86 18.43 2.42
CA ARG A 161 16.53 19.17 3.64
C ARG A 161 15.04 19.50 3.67
N GLY A 162 14.37 19.10 4.75
CA GLY A 162 12.95 19.35 4.89
C GLY A 162 12.70 20.66 5.58
N GLU A 163 11.58 21.31 5.26
CA GLU A 163 11.22 22.59 5.89
C GLU A 163 10.83 22.42 7.36
N ARG A 164 10.66 21.17 7.79
CA ARG A 164 10.28 20.86 9.15
C ARG A 164 8.95 21.48 9.55
N THR A 165 7.98 21.36 8.66
CA THR A 165 6.58 21.53 9.03
C THR A 165 6.14 20.14 9.44
N ASP A 166 4.90 19.99 9.87
CA ASP A 166 4.42 18.67 10.27
C ASP A 166 4.07 17.83 9.06
N PHE A 167 4.06 18.46 7.88
CA PHE A 167 3.71 17.77 6.64
C PHE A 167 4.70 18.02 5.50
N ASP A 168 5.98 17.75 5.71
CA ASP A 168 6.97 17.81 4.63
C ASP A 168 6.83 16.57 3.79
N LEU A 169 6.62 16.72 2.48
CA LEU A 169 6.61 15.53 1.63
C LEU A 169 8.04 15.03 1.50
N LEU A 170 8.29 13.78 1.87
CA LEU A 170 9.60 13.18 1.62
C LEU A 170 9.80 13.11 0.10
N PRO A 171 11.05 13.15 -0.35
CA PRO A 171 11.32 13.01 -1.78
C PRO A 171 11.27 11.52 -2.13
N LEU A 172 11.17 11.20 -3.41
CA LEU A 172 11.37 9.82 -3.84
C LEU A 172 12.83 9.52 -3.63
N ILE A 173 13.13 8.36 -3.08
CA ILE A 173 14.51 7.95 -2.94
C ILE A 173 14.66 6.47 -3.29
N PHE A 174 15.58 6.19 -4.21
CA PHE A 174 15.80 4.82 -4.67
C PHE A 174 17.22 4.62 -5.18
N ARG A 175 17.66 3.36 -5.19
CA ARG A 175 19.02 3.05 -5.63
C ARG A 175 19.02 2.05 -6.77
N MET A 176 19.84 2.31 -7.78
CA MET A 176 19.96 1.41 -8.92
C MET A 176 21.09 0.42 -8.69
N LYS A 177 20.97 -0.74 -9.30
CA LYS A 177 22.01 -1.75 -9.29
C LYS A 177 23.28 -1.15 -9.86
N GLY A 178 24.34 -1.13 -9.08
CA GLY A 178 25.59 -0.59 -9.56
C GLY A 178 26.00 0.63 -8.78
N ASP A 179 25.01 1.37 -8.29
CA ASP A 179 25.28 2.57 -7.55
C ASP A 179 25.36 2.27 -6.06
N GLU A 180 26.37 2.84 -5.40
CA GLU A 180 26.57 2.61 -3.98
C GLU A 180 25.59 3.46 -3.18
N GLN A 181 25.18 4.57 -3.77
CA GLN A 181 24.23 5.47 -3.13
C GLN A 181 22.93 5.54 -3.91
N PRO A 182 21.81 5.79 -3.22
CA PRO A 182 20.56 6.05 -3.93
C PRO A 182 20.50 7.51 -4.40
N VAL A 183 19.56 7.83 -5.28
CA VAL A 183 19.31 9.21 -5.65
C VAL A 183 17.99 9.66 -5.02
N TRP A 184 17.78 10.96 -4.91
CA TRP A 184 16.49 11.46 -4.44
C TRP A 184 15.97 12.58 -5.32
N TYR A 185 14.65 12.62 -5.49
CA TYR A 185 13.97 13.63 -6.31
C TYR A 185 12.80 14.20 -5.53
N GLU A 186 12.76 15.53 -5.42
CA GLU A 186 11.65 16.22 -4.78
C GLU A 186 10.36 15.92 -5.56
N LEU A 187 9.29 15.57 -4.85
CA LEU A 187 8.00 15.37 -5.51
C LEU A 187 7.37 16.69 -5.96
N PRO A 188 6.96 16.76 -7.24
CA PRO A 188 6.26 17.96 -7.75
C PRO A 188 4.92 18.15 -7.03
N ARG A 189 4.70 19.30 -6.41
CA ARG A 189 3.50 19.54 -5.62
C ARG A 189 2.24 19.33 -6.46
N SER A 190 2.36 19.55 -7.77
CA SER A 190 1.23 19.39 -8.69
C SER A 190 0.79 17.94 -8.87
N LEU A 191 1.68 17.00 -8.55
CA LEU A 191 1.33 15.58 -8.66
C LEU A 191 0.55 15.09 -7.44
N VAL A 192 0.74 15.76 -6.31
CA VAL A 192 0.22 15.27 -5.04
C VAL A 192 -1.06 15.96 -4.57
N ILE A 193 -2.12 15.18 -4.41
CA ILE A 193 -3.35 15.73 -3.83
C ILE A 193 -3.33 15.63 -2.30
N GLU A 194 -3.63 16.74 -1.64
CA GLU A 194 -3.79 16.71 -0.19
C GLU A 194 -5.18 17.22 0.20
N VAL A 195 -5.69 16.72 1.32
CA VAL A 195 -7.04 17.03 1.78
C VAL A 195 -6.98 17.66 3.16
N PRO A 196 -7.31 18.95 3.26
CA PRO A 196 -7.42 19.60 4.58
C PRO A 196 -8.57 18.98 5.37
N ILE A 197 -8.35 18.67 6.65
CA ILE A 197 -9.40 18.01 7.43
C ILE A 197 -10.34 19.03 8.07
N THR A 198 -11.63 18.93 7.74
CA THR A 198 -12.66 19.76 8.36
C THR A 198 -13.82 18.89 8.81
N HIS A 199 -14.58 19.36 9.79
CA HIS A 199 -15.70 18.60 10.31
C HIS A 199 -16.99 19.11 9.68
N PRO A 200 -17.94 18.21 9.39
CA PRO A 200 -19.21 18.61 8.78
C PRO A 200 -19.93 19.76 9.49
N ASP A 201 -19.81 19.85 10.81
CA ASP A 201 -20.57 20.90 11.50
C ASP A 201 -19.91 21.52 12.73
N ILE A 202 -18.70 21.08 13.04
CA ILE A 202 -17.91 21.74 14.07
C ILE A 202 -16.88 22.59 13.34
N GLU A 203 -17.14 23.88 13.29
CA GLU A 203 -16.34 24.81 12.49
C GLU A 203 -14.92 25.00 13.06
N ALA A 204 -14.80 24.82 14.36
CA ALA A 204 -13.53 25.00 15.06
C ALA A 204 -12.52 23.92 14.69
N PHE A 205 -12.99 22.84 14.06
CA PHE A 205 -12.14 21.70 13.77
C PHE A 205 -10.99 22.10 12.86
N SER A 206 -11.23 23.08 11.99
CA SER A 206 -10.19 23.57 11.10
C SER A 206 -8.98 24.14 11.84
N ASP A 207 -9.19 24.62 13.06
CA ASP A 207 -8.09 25.18 13.87
C ASP A 207 -6.96 24.20 14.14
N LEU A 208 -7.24 22.91 13.99
CA LEU A 208 -6.23 21.91 14.19
C LEU A 208 -5.27 21.90 13.02
N GLU A 209 -5.74 22.42 11.88
CA GLU A 209 -4.94 22.48 10.67
C GLU A 209 -4.36 21.13 10.27
N LEU A 210 -5.18 20.08 10.35
CA LEU A 210 -4.76 18.75 9.93
C LEU A 210 -4.96 18.60 8.44
N LYS A 211 -4.21 17.67 7.85
CA LYS A 211 -4.43 17.29 6.47
C LYS A 211 -3.77 15.93 6.22
N TRP A 212 -4.12 15.30 5.11
CA TRP A 212 -3.49 14.04 4.76
C TRP A 212 -3.41 13.90 3.23
N TYR A 213 -2.53 13.02 2.75
CA TYR A 213 -2.40 12.85 1.31
C TYR A 213 -3.52 11.98 0.76
N GLY A 214 -3.81 12.14 -0.53
CA GLY A 214 -4.96 11.47 -1.10
C GLY A 214 -4.73 10.00 -1.31
N VAL A 215 -3.55 9.63 -1.75
CA VAL A 215 -3.34 8.28 -2.24
C VAL A 215 -2.25 7.52 -1.50
N PRO A 216 -2.61 6.39 -0.87
CA PRO A 216 -1.62 5.51 -0.24
C PRO A 216 -0.99 4.56 -1.25
N ILE A 217 0.31 4.72 -1.47
CA ILE A 217 1.01 3.94 -2.49
C ILE A 217 2.18 3.21 -1.88
N ILE A 218 1.98 1.93 -1.55
CA ILE A 218 2.95 1.12 -0.84
C ILE A 218 4.12 0.79 -1.74
N SER A 219 5.33 1.05 -1.30
CA SER A 219 6.49 0.80 -2.15
C SER A 219 7.60 0.03 -1.43
N ASP A 220 7.23 -0.74 -0.43
CA ASP A 220 8.23 -1.48 0.35
C ASP A 220 7.92 -2.99 0.40
N MET A 221 7.01 -3.44 -0.44
CA MET A 221 6.67 -4.87 -0.48
C MET A 221 7.05 -5.51 -1.81
N LYS A 222 7.45 -6.78 -1.72
CA LYS A 222 7.87 -7.56 -2.86
C LYS A 222 6.70 -8.34 -3.41
N LEU A 223 6.49 -8.25 -4.72
CA LEU A 223 5.50 -9.08 -5.39
C LEU A 223 6.18 -10.36 -5.88
N GLU A 224 5.68 -11.50 -5.42
CA GLU A 224 6.20 -12.79 -5.83
C GLU A 224 5.18 -13.49 -6.71
N VAL A 225 5.57 -13.81 -7.93
CA VAL A 225 4.67 -14.37 -8.91
C VAL A 225 5.34 -15.52 -9.64
N GLY A 226 4.98 -16.75 -9.28
CA GLY A 226 5.56 -17.93 -9.92
C GLY A 226 7.06 -18.07 -9.79
N GLY A 227 7.58 -17.81 -8.60
CA GLY A 227 9.00 -17.93 -8.33
C GLY A 227 9.82 -16.69 -8.65
N ILE A 228 9.24 -15.77 -9.42
CA ILE A 228 9.89 -14.52 -9.78
C ILE A 228 9.61 -13.44 -8.73
N HIS A 229 10.65 -12.76 -8.29
CA HIS A 229 10.54 -11.81 -7.18
C HIS A 229 10.67 -10.37 -7.64
N TYR A 230 9.55 -9.66 -7.68
CA TYR A 230 9.53 -8.27 -8.07
C TYR A 230 9.62 -7.40 -6.81
N ASN A 231 10.83 -7.20 -6.30
CA ASN A 231 11.04 -6.44 -5.08
C ASN A 231 10.53 -5.02 -5.21
N ALA A 232 10.50 -4.52 -6.45
CA ALA A 232 10.05 -3.16 -6.73
C ALA A 232 8.75 -3.12 -7.54
N ALA A 233 7.62 -3.09 -6.85
CA ALA A 233 6.34 -3.06 -7.53
C ALA A 233 5.31 -2.25 -6.74
N PRO A 234 5.49 -0.93 -6.69
CA PRO A 234 4.59 -0.09 -5.87
C PRO A 234 3.15 -0.22 -6.34
N PHE A 235 2.22 -0.27 -5.38
CA PHE A 235 0.79 -0.43 -5.67
C PHE A 235 -0.05 0.49 -4.77
N ASN A 236 -1.26 0.80 -5.22
CA ASN A 236 -2.12 1.67 -4.46
C ASN A 236 -3.58 1.27 -4.59
N GLY A 237 -4.37 1.65 -3.60
CA GLY A 237 -5.82 1.69 -3.71
C GLY A 237 -6.25 3.06 -3.26
N TRP A 238 -7.44 3.16 -2.67
CA TRP A 238 -7.82 4.36 -1.96
C TRP A 238 -7.82 4.04 -0.47
N TYR A 239 -7.94 5.07 0.35
CA TYR A 239 -7.92 4.90 1.80
C TYR A 239 -9.24 4.42 2.35
N MET A 240 -9.17 3.64 3.42
CA MET A 240 -10.30 3.45 4.31
C MET A 240 -10.15 4.50 5.40
N GLY A 241 -11.23 5.25 5.66
CA GLY A 241 -11.20 6.38 6.58
C GLY A 241 -10.48 6.13 7.91
N THR A 242 -10.61 4.93 8.45
CA THR A 242 -10.02 4.63 9.75
C THR A 242 -8.50 4.70 9.76
N GLU A 243 -7.89 4.40 8.61
CA GLU A 243 -6.44 4.37 8.54
C GLU A 243 -5.89 5.74 8.82
N ILE A 244 -6.59 6.77 8.35
CA ILE A 244 -6.18 8.14 8.61
C ILE A 244 -6.64 8.60 9.99
N GLY A 245 -7.92 8.40 10.28
CA GLY A 245 -8.52 8.93 11.49
C GLY A 245 -8.27 8.14 12.76
N ALA A 246 -8.15 6.82 12.65
CA ALA A 246 -8.04 5.97 13.84
C ALA A 246 -6.60 5.54 14.12
N ARG A 247 -5.74 5.70 13.13
CA ARG A 247 -4.34 5.28 13.29
C ARG A 247 -3.33 6.39 13.01
N ASN A 248 -3.24 6.84 11.76
CA ASN A 248 -2.25 7.86 11.37
C ASN A 248 -2.29 9.15 12.19
N LEU A 249 -3.50 9.64 12.47
CA LEU A 249 -3.63 10.89 13.21
C LEU A 249 -3.87 10.68 14.71
N ALA A 250 -4.29 9.48 15.09
CA ALA A 250 -4.70 9.22 16.47
C ALA A 250 -3.63 8.57 17.33
N ASP A 251 -2.85 7.65 16.76
CA ASP A 251 -1.87 6.89 17.56
C ASP A 251 -0.94 7.81 18.33
N GLU A 252 -0.56 7.38 19.53
CA GLU A 252 0.40 8.13 20.32
C GLU A 252 1.76 8.16 19.64
N LYS A 253 2.09 7.10 18.93
CA LYS A 253 3.35 7.02 18.19
C LYS A 253 3.24 7.65 16.79
N ARG A 254 2.08 8.18 16.44
CA ARG A 254 1.99 8.91 15.18
C ARG A 254 1.68 10.36 15.52
N TYR A 255 0.69 10.95 14.85
CA TYR A 255 0.40 12.37 15.08
C TYR A 255 -0.29 12.68 16.42
N ASP A 256 -0.88 11.69 17.07
CA ASP A 256 -1.28 11.83 18.47
C ASP A 256 -2.22 13.02 18.72
N LYS A 257 -3.31 13.11 17.96
CA LYS A 257 -4.14 14.32 17.96
C LYS A 257 -5.40 14.27 18.82
N LEU A 258 -5.64 13.16 19.51
CA LEU A 258 -6.93 12.99 20.19
C LEU A 258 -7.23 14.06 21.23
N LYS A 259 -6.28 14.37 22.11
CA LYS A 259 -6.49 15.40 23.12
C LYS A 259 -6.88 16.70 22.45
N LYS A 260 -6.18 17.07 21.38
CA LYS A 260 -6.49 18.29 20.64
C LYS A 260 -7.88 18.23 20.00
N VAL A 261 -8.23 17.05 19.51
CA VAL A 261 -9.55 16.88 18.94
C VAL A 261 -10.60 17.04 20.02
N ALA A 262 -10.35 16.44 21.18
CA ALA A 262 -11.26 16.55 22.32
C ALA A 262 -11.50 18.01 22.66
N SER A 263 -10.43 18.81 22.61
CA SER A 263 -10.57 20.22 22.87
C SER A 263 -11.47 20.95 21.87
N VAL A 264 -11.28 20.72 20.57
CA VAL A 264 -12.06 21.47 19.58
C VAL A 264 -13.49 20.99 19.48
N ILE A 265 -13.75 19.74 19.86
CA ILE A 265 -15.12 19.27 19.81
C ILE A 265 -15.82 19.58 21.13
N GLY A 266 -15.09 20.24 22.02
CA GLY A 266 -15.65 20.78 23.24
C GLY A 266 -15.91 19.80 24.36
N ILE A 267 -15.14 18.72 24.45
CA ILE A 267 -15.29 17.80 25.59
C ILE A 267 -14.03 17.71 26.44
N ALA A 268 -14.19 17.23 27.66
CA ALA A 268 -13.09 17.12 28.61
C ALA A 268 -12.26 15.85 28.33
N ALA A 269 -10.94 15.97 28.49
CA ALA A 269 -10.07 14.81 28.30
C ALA A 269 -9.44 14.38 29.63
N ASP A 270 -10.29 14.27 30.66
CA ASP A 270 -9.82 14.06 32.04
C ASP A 270 -10.13 12.67 32.62
N TYR A 271 -11.29 12.12 32.26
CA TYR A 271 -11.76 10.86 32.87
C TYR A 271 -11.93 9.74 31.85
N ASN A 272 -11.43 8.57 32.17
CA ASN A 272 -11.56 7.41 31.29
C ASN A 272 -13.04 7.05 31.06
N THR A 273 -13.80 7.06 32.14
CA THR A 273 -15.23 6.80 32.09
C THR A 273 -16.03 7.77 31.22
N ASP A 274 -15.44 8.88 30.80
CA ASP A 274 -16.14 9.79 29.89
C ASP A 274 -16.08 9.29 28.44
N LEU A 275 -15.17 8.36 28.18
CA LEU A 275 -14.93 7.85 26.83
C LEU A 275 -14.58 8.98 25.86
N TRP A 276 -13.84 9.97 26.35
CA TRP A 276 -13.42 11.08 25.52
C TRP A 276 -12.58 10.65 24.31
N LYS A 277 -11.71 9.66 24.49
CA LYS A 277 -10.90 9.19 23.36
C LYS A 277 -11.79 8.55 22.30
N ASP A 278 -12.79 7.81 22.75
CA ASP A 278 -13.70 7.11 21.86
C ASP A 278 -14.47 8.10 21.02
N GLN A 279 -14.99 9.11 21.70
CA GLN A 279 -15.78 10.18 21.12
C GLN A 279 -14.97 11.05 20.18
N ALA A 280 -13.72 11.39 20.58
CA ALA A 280 -12.82 12.15 19.71
C ALA A 280 -12.54 11.35 18.47
N LEU A 281 -12.36 10.04 18.65
CA LEU A 281 -12.07 9.12 17.55
C LEU A 281 -13.16 9.15 16.45
N VAL A 282 -14.41 9.05 16.89
CA VAL A 282 -15.56 9.07 15.98
C VAL A 282 -15.69 10.39 15.22
N GLU A 283 -15.55 11.51 15.92
CA GLU A 283 -15.66 12.83 15.28
C GLU A 283 -14.53 13.04 14.29
N LEU A 284 -13.31 12.65 14.67
CA LEU A 284 -12.15 12.76 13.78
C LEU A 284 -12.32 11.88 12.54
N ASN A 285 -12.82 10.66 12.73
CA ASN A 285 -13.09 9.80 11.58
C ASN A 285 -14.25 10.30 10.70
N LYS A 286 -15.25 10.94 11.29
CA LYS A 286 -16.29 11.62 10.53
C LYS A 286 -15.71 12.78 9.73
N ALA A 287 -14.75 13.47 10.33
CA ALA A 287 -14.09 14.61 9.70
C ALA A 287 -13.35 14.16 8.47
N VAL A 288 -12.57 13.10 8.61
CA VAL A 288 -11.79 12.54 7.52
C VAL A 288 -12.67 12.11 6.33
N LEU A 289 -13.77 11.43 6.61
CA LEU A 289 -14.67 10.97 5.55
C LEU A 289 -15.30 12.15 4.83
N HIS A 290 -15.85 13.08 5.61
CA HIS A 290 -16.45 14.29 5.09
C HIS A 290 -15.47 15.10 4.23
N SER A 291 -14.22 15.17 4.66
CA SER A 291 -13.24 16.03 4.00
C SER A 291 -12.84 15.50 2.64
N TYR A 292 -12.57 14.20 2.56
CA TYR A 292 -12.26 13.57 1.28
C TYR A 292 -13.43 13.62 0.30
N LYS A 293 -14.64 13.33 0.79
CA LYS A 293 -15.81 13.41 -0.06
C LYS A 293 -15.97 14.82 -0.62
N LYS A 294 -15.76 15.83 0.20
CA LYS A 294 -15.97 17.20 -0.25
C LYS A 294 -14.97 17.61 -1.32
N GLN A 295 -13.78 17.03 -1.26
CA GLN A 295 -12.72 17.33 -2.21
C GLN A 295 -12.80 16.47 -3.49
N GLY A 296 -13.70 15.51 -3.54
CA GLY A 296 -13.76 14.65 -4.70
C GLY A 296 -12.61 13.66 -4.76
N VAL A 297 -12.13 13.23 -3.61
CA VAL A 297 -11.10 12.21 -3.55
C VAL A 297 -11.69 10.92 -3.00
N SER A 298 -11.45 9.82 -3.71
CA SER A 298 -11.96 8.53 -3.32
C SER A 298 -11.60 8.23 -1.88
N ILE A 299 -12.48 7.49 -1.21
CA ILE A 299 -12.26 7.00 0.15
C ILE A 299 -13.44 6.08 0.49
N VAL A 300 -13.20 5.08 1.35
CA VAL A 300 -14.28 4.21 1.81
C VAL A 300 -14.33 4.21 3.34
N ASP A 301 -15.55 4.19 3.88
CA ASP A 301 -15.73 4.09 5.33
C ASP A 301 -15.65 2.61 5.69
N HIS A 302 -15.41 2.31 6.96
CA HIS A 302 -15.18 0.93 7.32
C HIS A 302 -16.42 0.01 7.25
N HIS A 303 -17.61 0.58 7.34
CA HIS A 303 -18.84 -0.22 7.20
C HIS A 303 -19.03 -0.71 5.78
N THR A 304 -19.00 0.24 4.84
CA THR A 304 -19.04 -0.08 3.41
C THR A 304 -17.94 -1.06 3.01
N ALA A 305 -16.72 -0.84 3.48
CA ALA A 305 -15.59 -1.73 3.15
C ALA A 305 -15.87 -3.16 3.58
N ALA A 306 -16.33 -3.31 4.82
CA ALA A 306 -16.71 -4.63 5.35
C ALA A 306 -17.88 -5.24 4.58
N SER A 307 -18.82 -4.41 4.13
CA SER A 307 -19.90 -4.90 3.28
C SER A 307 -19.31 -5.46 2.00
N GLN A 308 -18.41 -4.69 1.40
CA GLN A 308 -17.75 -5.12 0.17
C GLN A 308 -16.99 -6.41 0.41
N PHE A 309 -16.26 -6.48 1.51
CA PHE A 309 -15.47 -7.68 1.83
C PHE A 309 -16.34 -8.91 1.98
N LYS A 310 -17.58 -8.73 2.47
CA LYS A 310 -18.49 -9.86 2.58
C LYS A 310 -18.85 -10.40 1.18
N ARG A 311 -19.06 -9.50 0.23
CA ARG A 311 -19.27 -9.92 -1.15
C ARG A 311 -18.06 -10.73 -1.64
N PHE A 312 -16.86 -10.28 -1.28
CA PHE A 312 -15.65 -11.01 -1.67
C PHE A 312 -15.61 -12.43 -1.11
N GLU A 313 -16.06 -12.63 0.12
CA GLU A 313 -16.12 -13.97 0.71
C GLU A 313 -17.15 -14.80 -0.05
N GLU A 314 -18.28 -14.17 -0.33
CA GLU A 314 -19.34 -14.85 -1.09
C GLU A 314 -18.83 -15.24 -2.48
N GLN A 315 -18.21 -14.29 -3.16
CA GLN A 315 -17.64 -14.52 -4.48
C GLN A 315 -16.61 -15.65 -4.54
N ALA A 316 -15.80 -15.78 -3.49
CA ALA A 316 -14.78 -16.83 -3.42
C ALA A 316 -15.43 -18.18 -3.28
N GLU A 317 -16.51 -18.24 -2.52
CA GLU A 317 -17.26 -19.49 -2.36
C GLU A 317 -17.89 -19.94 -3.67
N GLU A 318 -18.46 -18.99 -4.41
CA GLU A 318 -19.11 -19.26 -5.69
C GLU A 318 -18.10 -19.74 -6.74
N ALA A 319 -16.87 -19.24 -6.64
CA ALA A 319 -15.83 -19.58 -7.60
C ALA A 319 -15.07 -20.83 -7.18
N GLY A 320 -15.46 -21.40 -6.04
CA GLY A 320 -14.81 -22.59 -5.52
C GLY A 320 -13.42 -22.34 -4.97
N ARG A 321 -13.05 -21.07 -4.77
CA ARG A 321 -11.76 -20.74 -4.19
C ARG A 321 -11.80 -20.70 -2.66
N LYS A 322 -10.83 -21.34 -2.03
CA LYS A 322 -10.68 -21.23 -0.59
C LYS A 322 -10.38 -19.77 -0.25
N LEU A 323 -11.00 -19.25 0.80
CA LEU A 323 -10.74 -17.89 1.24
C LEU A 323 -9.66 -17.88 2.30
N THR A 324 -8.74 -16.92 2.24
CA THR A 324 -7.77 -16.76 3.34
C THR A 324 -7.73 -15.33 3.84
N GLY A 325 -7.43 -15.15 5.13
CA GLY A 325 -7.39 -13.82 5.71
C GLY A 325 -6.82 -13.76 7.11
N ASP A 326 -6.44 -12.55 7.51
CA ASP A 326 -5.89 -12.31 8.83
C ASP A 326 -6.90 -11.50 9.65
N TRP A 327 -7.64 -12.20 10.50
CA TRP A 327 -8.69 -11.58 11.32
C TRP A 327 -8.19 -10.32 12.05
N THR A 328 -6.97 -10.37 12.58
CA THR A 328 -6.40 -9.24 13.35
C THR A 328 -6.16 -7.97 12.54
N TRP A 329 -6.06 -8.10 11.21
CA TRP A 329 -5.90 -6.92 10.36
C TRP A 329 -7.20 -6.51 9.67
N LEU A 330 -8.07 -7.48 9.44
CA LEU A 330 -9.31 -7.23 8.70
C LEU A 330 -10.30 -6.45 9.55
N ILE A 331 -10.37 -6.73 10.84
CA ILE A 331 -11.21 -5.91 11.71
C ILE A 331 -10.73 -4.45 11.73
N PRO A 332 -11.66 -3.50 11.56
CA PRO A 332 -11.29 -2.09 11.63
C PRO A 332 -11.03 -1.68 13.08
N PRO A 333 -10.15 -0.69 13.30
CA PRO A 333 -9.80 -0.30 14.67
C PRO A 333 -10.85 0.59 15.34
N ILE A 334 -11.94 0.90 14.65
CA ILE A 334 -13.08 1.44 15.39
C ILE A 334 -14.37 0.65 15.12
N SER A 335 -15.19 0.52 16.15
CA SER A 335 -16.43 -0.29 16.11
C SER A 335 -16.32 -1.61 15.36
N PRO A 336 -15.27 -2.42 15.65
CA PRO A 336 -15.12 -3.68 14.90
C PRO A 336 -16.29 -4.63 15.06
N ALA A 337 -16.89 -4.70 16.25
CA ALA A 337 -18.00 -5.63 16.47
C ALA A 337 -19.27 -5.26 15.68
N ALA A 338 -19.26 -4.09 15.03
CA ALA A 338 -20.38 -3.69 14.17
C ALA A 338 -20.23 -4.22 12.73
N THR A 339 -19.15 -4.95 12.46
CA THR A 339 -18.94 -5.55 11.14
C THR A 339 -19.03 -7.06 11.25
N HIS A 340 -19.38 -7.72 10.13
CA HIS A 340 -19.52 -9.17 10.11
C HIS A 340 -18.19 -9.84 10.39
N ILE A 341 -17.10 -9.14 10.04
CA ILE A 341 -15.74 -9.67 10.13
C ILE A 341 -15.43 -10.12 11.55
N PHE A 342 -15.67 -9.24 12.51
CA PHE A 342 -15.49 -9.52 13.93
C PHE A 342 -16.09 -10.87 14.38
N HIS A 343 -17.18 -11.29 13.75
CA HIS A 343 -17.96 -12.42 14.27
C HIS A 343 -17.68 -13.77 13.60
N ARG A 344 -16.91 -13.77 12.53
CA ARG A 344 -16.40 -15.03 11.99
C ARG A 344 -14.89 -15.06 12.12
N SER A 345 -14.30 -16.17 11.72
CA SER A 345 -12.86 -16.34 11.77
C SER A 345 -12.34 -16.64 10.38
N TYR A 346 -11.03 -16.53 10.20
CA TYR A 346 -10.44 -16.71 8.88
C TYR A 346 -9.18 -17.57 8.92
N ASP A 347 -8.98 -18.36 7.87
CA ASP A 347 -7.78 -19.15 7.68
C ASP A 347 -6.61 -18.27 7.19
N ASN A 348 -5.60 -18.08 8.04
CA ASN A 348 -4.49 -17.18 7.75
C ASN A 348 -3.34 -17.81 6.97
N SER A 349 -3.62 -18.82 6.15
CA SER A 349 -2.59 -19.45 5.32
C SER A 349 -2.06 -18.51 4.26
N ILE A 350 -0.79 -18.70 3.89
CA ILE A 350 -0.18 -17.93 2.82
C ILE A 350 -0.34 -18.65 1.48
N VAL A 351 -1.05 -18.03 0.55
CA VAL A 351 -1.16 -18.56 -0.82
C VAL A 351 -0.44 -17.63 -1.80
N LYS A 352 0.25 -18.22 -2.77
CA LYS A 352 0.98 -17.46 -3.77
C LYS A 352 0.25 -17.47 -5.12
N PRO A 353 0.36 -16.38 -5.92
CA PRO A 353 1.15 -15.15 -5.72
C PRO A 353 0.70 -14.35 -4.52
N ASN A 354 1.53 -13.39 -4.11
CA ASN A 354 1.25 -12.55 -2.95
C ASN A 354 2.26 -11.43 -2.81
N TYR A 355 2.01 -10.54 -1.85
CA TYR A 355 2.94 -9.46 -1.50
C TYR A 355 3.60 -9.74 -0.14
N PHE A 356 4.92 -9.62 -0.08
CA PHE A 356 5.63 -9.91 1.14
C PHE A 356 6.48 -8.72 1.56
N TYR A 357 6.47 -8.44 2.86
CA TYR A 357 7.31 -7.37 3.38
C TYR A 357 8.77 -7.78 3.17
N GLN A 358 9.65 -6.79 3.05
CA GLN A 358 11.08 -7.06 2.91
C GLN A 358 11.89 -6.04 3.69
N ASP A 359 13.08 -6.46 4.13
CA ASP A 359 14.00 -5.59 4.88
C ASP A 359 14.28 -4.30 4.12
N LYS A 360 14.22 -3.18 4.82
CA LYS A 360 14.65 -1.93 4.24
C LYS A 360 16.16 -1.75 4.45
N PRO A 361 16.85 -1.15 3.46
CA PRO A 361 18.30 -0.96 3.48
C PRO A 361 18.78 0.01 4.57
N TYR A 362 18.17 1.19 4.68
CA TYR A 362 18.45 2.06 5.82
C TYR A 362 17.97 1.39 7.10
N GLU A 363 18.64 1.67 8.22
CA GLU A 363 18.50 0.90 9.47
C GLU A 363 18.44 -0.64 9.29
CHA HEM B . -3.76 -3.73 3.70
CHB HEM B . -7.89 -1.49 2.37
CHC HEM B . -6.40 -1.85 -2.28
CHD HEM B . -3.01 -5.06 -0.90
C1A HEM B . -4.92 -2.99 3.68
C2A HEM B . -5.44 -2.37 4.84
C3A HEM B . -6.57 -1.74 4.48
C4A HEM B . -6.79 -1.97 3.10
CMA HEM B . -7.45 -0.95 5.41
CAA HEM B . -4.82 -2.40 6.21
CBA HEM B . -3.73 -1.33 6.19
CGA HEM B . -3.12 -1.03 7.54
O1A HEM B . -3.76 -1.27 8.60
O2A HEM B . -1.99 -0.53 7.60
C1B HEM B . -7.79 -1.36 0.97
C2B HEM B . -8.67 -0.55 0.21
C3B HEM B . -8.31 -0.61 -1.09
C4B HEM B . -7.12 -1.52 -1.12
CMB HEM B . -9.82 0.26 0.73
CAB HEM B . -9.02 0.13 -2.17
CBB HEM B . -8.92 -0.11 -3.47
C1C HEM B . -5.29 -2.70 -2.32
C2C HEM B . -4.46 -2.96 -3.44
C3C HEM B . -3.50 -3.89 -3.04
C4C HEM B . -3.74 -4.19 -1.67
CMC HEM B . -4.63 -2.35 -4.81
CAC HEM B . -2.40 -4.48 -3.84
CBC HEM B . -2.55 -4.94 -5.09
C1D HEM B . -2.94 -4.88 0.48
C2D HEM B . -1.84 -5.47 1.25
C3D HEM B . -2.03 -5.10 2.52
C4D HEM B . -3.26 -4.27 2.53
CMD HEM B . -0.71 -6.32 0.72
CAD HEM B . -1.16 -5.49 3.69
CBD HEM B . 0.07 -4.58 3.80
CGD HEM B . 0.92 -5.02 4.97
O1D HEM B . 1.48 -4.15 5.67
O2D HEM B . 1.07 -6.24 5.24
NA HEM B . -5.77 -2.76 2.61
NB HEM B . -6.87 -1.90 0.16
NC HEM B . -4.83 -3.44 -1.28
ND HEM B . -3.74 -4.14 1.28
FE HEM B . -5.32 -3.25 0.73
N1 H4B C . -4.49 -4.07 11.84
C2 H4B C . -4.23 -3.09 10.95
N2 H4B C . -5.18 -2.80 10.01
N3 H4B C . -3.07 -2.39 10.96
C4 H4B C . -2.09 -2.62 11.85
O4 H4B C . -1.03 -1.95 11.83
C4A H4B C . -2.31 -3.69 12.86
C8A H4B C . -3.60 -4.41 12.81
N5 H4B C . -1.42 -4.03 13.82
N8 H4B C . -3.88 -5.39 13.69
C6 H4B C . -1.56 -5.32 14.50
C7 H4B C . -3.03 -5.53 14.87
C9 H4B C . -0.66 -5.32 15.74
O9 H4B C . -1.12 -4.27 16.58
C10 H4B C . -0.56 -6.62 16.56
C11 H4B C . 0.91 -6.97 16.80
O10 H4B C . -1.23 -7.75 15.99
CL CL D . -1.24 5.03 5.64
C1 S5D E . 0.77 -0.98 5.72
C2 S5D E . 0.03 -0.02 5.02
C3 S5D E . 0.18 1.33 5.38
C4 S5D E . 1.03 1.71 6.41
C5 S5D E . 1.75 0.73 7.11
C6 S5D E . 1.62 -0.61 6.75
N11 S5D E . -4.15 1.08 2.65
C12 S5D E . -4.99 1.08 1.59
N12 S5D E . -6.20 1.67 1.72
C13 S5D E . -4.61 0.48 0.39
C14 S5D E . -3.35 -0.11 0.31
C15 S5D E . -2.50 -0.10 1.41
C16 S5D E . -2.92 0.52 2.59
C17 S5D E . -2.90 -0.76 -0.96
C18 S5D E . -2.05 0.59 3.83
C19 S5D E . -0.90 -0.42 3.89
N21 S5D E . 3.88 -4.06 7.08
C22 S5D E . 4.36 -5.28 7.41
N22 S5D E . 3.75 -6.39 6.90
C23 S5D E . 5.46 -5.39 8.27
C24 S5D E . 6.06 -4.24 8.77
C25 S5D E . 5.55 -2.99 8.40
C26 S5D E . 4.46 -2.92 7.54
C27 S5D E . 7.25 -4.33 9.69
C28 S5D E . 3.88 -1.60 7.15
C29 S5D E . 2.38 -1.65 7.48
N29 S5D E . 2.19 -1.48 8.93
C1 GOL F . -15.48 3.71 -2.42
O1 GOL F . -16.03 2.38 -2.36
C2 GOL F . -15.08 4.06 -3.86
O2 GOL F . -16.22 4.39 -4.67
C3 GOL F . -14.12 5.26 -3.82
O3 GOL F . -14.77 6.41 -3.25
#